data_6IDL
#
_entry.id   6IDL
#
loop_
_entity.id
_entity.type
_entity.pdbx_description
1 polymer 'Envelope protein'
2 polymer 'Premembrane protein'
3 polymer 'Fab 1H10 heavy chain (V-region)'
4 polymer 'Fab 1H10 light chain (V-region)'
#
loop_
_entity_poly.entity_id
_entity_poly.type
_entity_poly.pdbx_seq_one_letter_code
_entity_poly.pdbx_strand_id
1 'polypeptide(L)'
;MRCVGVGNRDFVEGLSGATWVDVVLEHGGCVTTMAKNKPTLDIELQKTEATQLATLRKLCIEGKITNITTDSRCPTQGEA
VLPEEQDQNYVCKHTYVDRGWGNGCGLFGKGSLVTCAKFQCLEPIEGKVVQYENLKYTVIITVHTGDQHQVGNETQGVTA
EITPQASTTEAILPEYGTLGLECSPRTGLDFNEMILLTMKNKAWMVHRQWFFDLPLPWASGATTETPTWNRKELLVTFKN
AHAKKQEVVVLGSQEGAMHTALTGATEIQNSGGTSIFAGHLKCRLKMDKLELKGMSYAMCTNTFVLKKEVSETQHGTILI
KVEYKGEDAPCKIPFSTEDGQGKAHNGRLITANPVVTKKEEPVNIEAEPPFGESNIVIGIGDNALKINWYKKGSSIGKMF
EATARGARRMAILGDTAWDFGSVGGVLNSLGKMVHQIFGSAYTALFSGVSWVMKIGIGVLLTWIGLNSKNTSMSFSCIAI
GIITLYLGAVVQA
;
A,B,C
2 'polypeptide(L)'
;FHLTSRDGEPRMIVGKNERGKSLLFKTASGINMCTLIAMDLGEMCDDTVTYKCPHITEVEPEDIDCWCNLTSTWVTYGTC
NQAGEHRRDKRSVALAPHVGMGLDTRTQTWMSAEGAWRQVEKVETWALRHPGFTILALFLAHYIGTSLTQKVVIFILLML
VTPSMT
;
E,F
3 'polypeptide(L)'
;QVQLVESGGGVVQPGRSLRLSCAASGFTFSNFAMHWVRQAPGKGLEWVSLISYDGSNKYNADSVRGRFSISRDNSKNTLY
LQMNSLRLEDTAVYYCVRVRQPWTQAWSTNYFYYYGMDVWGQGTTVTVSSASTKGPS
;
I,M
4 'polypeptide(L)'
;QSVLTQPPSASGTPGQRVTISCSGGSSNIGSSYVYWYKQVPGTAPKLLIYRNNERPSGVPDRFSGSKSGTSASLAISGLR
SEDEADYYCAAWDDSLRGQVFGGGTKLTVLGQPKAA
;
J,N
#
# COMPACT_ATOMS: atom_id res chain seq x y z
CA MET A 1 5.50 49.93 -31.17
CA ARG A 2 6.84 47.91 -28.13
CA CYS A 3 6.26 44.74 -30.27
CA VAL A 4 9.08 45.94 -32.75
CA GLY A 5 12.03 43.48 -32.83
CA VAL A 6 10.16 40.36 -31.66
CA GLY A 7 11.21 38.27 -34.68
CA ASN A 8 7.67 37.12 -35.67
CA ARG A 9 5.21 39.91 -36.78
CA ASP A 10 3.09 41.02 -39.63
CA PHE A 11 1.08 43.93 -40.70
CA VAL A 12 -2.75 43.65 -41.50
CA GLU A 13 -3.30 46.81 -43.57
CA GLY A 14 -6.86 48.13 -43.92
CA LEU A 15 -10.20 47.40 -42.25
CA SER A 16 -12.44 44.81 -44.22
CA GLY A 17 -16.02 46.03 -44.95
CA ALA A 18 -17.37 48.46 -42.40
CA THR A 19 -14.68 48.15 -39.56
CA TRP A 20 -14.87 44.25 -39.84
CA VAL A 21 -11.29 42.91 -39.37
CA ASP A 22 -10.38 39.18 -39.13
CA VAL A 23 -7.53 38.04 -37.04
CA VAL A 24 -5.79 34.99 -35.69
CA LEU A 25 -3.02 34.97 -32.90
CA GLU A 26 -0.69 32.05 -32.22
CA HIS A 27 1.21 33.55 -29.27
CA GLY A 28 4.72 33.24 -30.70
CA GLY A 29 3.77 36.06 -33.20
CA CYS A 30 2.52 39.58 -33.30
CA VAL A 31 -0.40 40.86 -35.19
CA THR A 32 -0.21 44.60 -36.14
CA THR A 33 -3.03 46.44 -37.85
CA MET A 34 -3.16 49.73 -39.97
CA ALA A 35 -6.08 51.75 -41.15
CA LYS A 36 -7.27 54.84 -43.05
CA ASN A 37 -7.75 57.74 -40.59
CA LYS A 38 -7.64 55.54 -37.48
CA PRO A 39 -4.44 54.67 -35.35
CA THR A 40 -2.18 51.56 -35.57
CA LEU A 41 -2.07 48.86 -32.92
CA ASP A 42 0.29 45.95 -32.08
CA ILE A 43 -1.65 42.97 -30.74
CA GLU A 44 -0.15 40.33 -28.46
CA LEU A 45 -1.81 37.09 -27.34
CA GLN A 46 -0.07 35.95 -24.20
CA LYS A 47 -0.59 33.58 -21.34
CA THR A 48 -3.60 31.61 -20.70
CA GLU A 49 -4.37 30.37 -17.15
CA ALA A 50 -6.70 27.68 -15.67
CA THR A 51 -8.06 27.21 -12.05
CA GLN A 52 -10.27 24.72 -10.12
CA LEU A 53 -8.44 22.12 -12.02
CA ALA A 54 -10.32 18.86 -12.98
CA THR A 55 -7.76 16.02 -12.58
CA LEU A 56 -7.21 12.29 -13.54
CA ARG A 57 -4.45 9.45 -13.57
CA LYS A 58 -1.42 9.64 -11.42
CA LEU A 59 1.70 7.56 -12.37
CA CYS A 60 4.97 6.84 -10.49
CA ILE A 61 8.54 7.13 -11.56
CA GLU A 62 10.03 5.41 -8.43
CA GLY A 63 8.55 2.32 -6.61
CA LYS A 64 9.72 0.56 -3.51
CA ILE A 65 9.15 -3.09 -2.72
CA THR A 66 8.75 -4.68 0.69
CA ASN A 67 7.15 -7.70 2.38
CA ILE A 68 8.24 -10.24 -0.21
CA THR A 69 6.99 -13.71 0.63
CA THR A 70 7.55 -16.65 -1.69
CA ASP A 71 5.72 -19.91 -1.66
CA SER A 72 7.17 -22.75 -3.59
CA ARG A 73 6.57 -26.46 -4.07
CA CYS A 74 8.42 -29.37 -5.67
CA PRO A 75 7.26 -31.15 -8.87
CA THR A 76 3.73 -32.40 -8.30
CA GLN A 77 4.08 -31.95 -4.56
CA GLY A 78 1.56 -29.20 -4.51
CA GLU A 79 0.38 -26.04 -6.20
CA ALA A 80 1.74 -22.87 -4.60
CA VAL A 81 -1.01 -20.56 -3.41
CA LEU A 82 -0.80 -17.23 -1.60
CA PRO A 83 -3.55 -15.40 0.27
CA GLU A 84 -1.56 -12.24 -0.50
CA GLU A 85 -2.93 -12.43 -4.08
CA GLN A 86 -6.24 -11.20 -2.66
CA ASP A 87 -4.58 -8.13 -1.13
CA GLN A 88 -4.62 -5.14 -3.46
CA ASN A 89 -1.49 -3.51 -2.05
CA TYR A 90 0.55 -6.61 -2.90
CA VAL A 91 1.62 -7.39 -6.46
CA CYS A 92 2.11 -11.09 -7.20
CA LYS A 93 3.39 -13.34 -10.00
CA HIS A 94 2.89 -17.08 -10.47
CA THR A 95 5.45 -19.23 -12.26
CA TYR A 96 6.63 -22.84 -12.51
CA VAL A 97 10.38 -23.58 -12.53
CA ASP A 98 12.36 -26.78 -13.24
CA ARG A 99 13.69 -29.14 -10.61
CA GLY A 100 15.47 -32.45 -11.11
CA TRP A 101 16.49 -35.44 -9.00
CA GLY A 102 19.18 -34.68 -6.41
CA ASN A 103 19.34 -30.97 -7.28
CA GLY A 104 16.88 -29.18 -5.04
CA CYS A 105 14.02 -31.66 -4.79
CA GLY A 106 14.20 -35.37 -5.55
CA LEU A 107 11.30 -35.21 -8.00
CA PHE A 108 11.96 -34.60 -11.70
CA GLY A 109 9.64 -32.00 -13.17
CA LYS A 110 8.56 -28.41 -12.83
CA GLY A 111 7.26 -27.30 -9.42
CA SER A 112 4.85 -24.48 -8.66
CA LEU A 113 5.55 -20.99 -7.30
CA VAL A 114 3.50 -17.96 -6.35
CA THR A 115 5.34 -14.95 -4.94
CA CYS A 116 3.78 -11.76 -3.56
CA ALA A 117 5.32 -8.50 -2.33
CA LYS A 118 3.76 -5.32 -0.99
CA PHE A 119 4.19 -2.43 -3.37
CA GLN A 120 4.50 1.05 -1.95
CA CYS A 121 4.89 4.42 -4.78
CA LEU A 122 7.70 6.98 -4.68
CA GLU A 123 7.53 10.26 -6.37
CA PRO A 124 4.33 10.09 -8.48
CA ILE A 125 3.09 12.58 -11.23
CA GLU A 126 -0.47 13.84 -12.29
CA GLY A 127 -2.74 14.94 -15.17
CA LYS A 128 -5.23 17.87 -15.25
CA VAL A 129 -7.91 18.00 -17.95
CA VAL A 130 -9.05 21.43 -17.20
CA GLN A 131 -12.49 23.08 -17.60
CA TYR A 132 -13.10 25.58 -20.32
CA GLU A 133 -15.08 27.69 -17.87
CA ASN A 134 -11.80 28.73 -16.06
CA LEU A 135 -9.61 28.83 -19.07
CA LYS A 136 -8.52 32.56 -19.02
CA TYR A 137 -6.55 34.11 -22.01
CA THR A 138 -4.70 37.50 -22.06
CA VAL A 139 -4.61 39.81 -25.15
CA ILE A 140 -2.40 42.98 -24.69
CA ILE A 141 -3.29 45.71 -27.21
CA THR A 142 -0.44 48.22 -27.49
CA VAL A 143 -1.33 51.51 -29.33
CA HIS A 144 1.13 53.32 -31.60
CA THR A 145 1.11 56.53 -29.40
CA GLY A 146 4.94 56.56 -29.09
CA ASP A 147 5.20 57.44 -25.42
CA GLN A 148 8.75 57.96 -24.01
CA HIS A 149 8.84 55.06 -21.49
CA GLN A 150 6.39 53.11 -23.69
CA VAL A 151 8.80 50.95 -25.58
CA GLY A 152 10.74 49.73 -22.54
CA ASN A 153 7.51 49.30 -20.49
CA GLU A 154 5.71 45.90 -21.15
CA THR A 155 2.55 46.97 -19.18
CA GLN A 156 1.90 50.09 -21.31
CA GLY A 157 -0.99 48.51 -23.26
CA VAL A 158 -4.57 47.47 -22.49
CA THR A 159 -5.02 44.00 -21.18
CA ALA A 160 -8.02 42.09 -22.30
CA GLU A 161 -8.50 38.93 -20.35
CA ILE A 162 -11.18 36.77 -21.90
CA THR A 163 -12.99 33.63 -20.62
CA PRO A 164 -15.10 31.20 -22.84
CA GLN A 165 -18.22 32.11 -20.81
CA ALA A 166 -18.45 35.21 -23.13
CA SER A 167 -16.58 35.47 -26.47
CA THR A 168 -17.50 39.01 -27.17
CA THR A 169 -15.50 41.55 -25.17
CA GLU A 170 -15.32 45.31 -25.16
CA ALA A 171 -11.76 46.64 -24.75
CA ILE A 172 -12.05 49.97 -23.14
CA LEU A 173 -8.96 52.00 -24.08
CA PRO A 174 -8.13 55.27 -22.27
CA GLU A 175 -8.37 58.28 -24.69
CA TYR A 176 -8.69 55.98 -27.62
CA GLY A 177 -12.12 54.45 -27.47
CA THR A 178 -13.29 50.83 -27.12
CA LEU A 179 -12.34 47.93 -29.34
CA GLY A 180 -14.65 45.11 -29.96
CA LEU A 181 -13.15 41.59 -30.09
CA GLU A 182 -15.29 38.55 -30.81
CA CYS A 183 -13.44 35.12 -30.15
CA SER A 184 -13.56 31.52 -30.87
CA PRO A 185 -12.17 30.14 -27.60
CA ARG A 186 -13.02 26.31 -27.76
CA THR A 187 -10.19 25.59 -30.12
CA GLY A 188 -6.24 25.64 -30.55
CA LEU A 189 -5.25 23.81 -27.39
CA ASP A 190 -8.22 21.26 -27.44
CA PHE A 191 -8.59 19.84 -23.82
CA ASN A 192 -10.08 16.89 -25.46
CA GLU A 193 -7.10 15.72 -27.41
CA MET A 194 -4.54 17.19 -25.04
CA ILE A 195 -3.54 16.40 -21.32
CA LEU A 196 -1.92 19.04 -19.20
CA LEU A 197 0.32 17.22 -16.66
CA THR A 198 2.57 18.49 -13.86
CA MET A 199 5.90 17.34 -12.65
CA LYS A 200 8.06 19.11 -10.09
CA ASN A 201 7.74 22.85 -10.77
CA LYS A 202 7.15 22.54 -14.53
CA ALA A 203 4.32 21.11 -16.62
CA TRP A 204 3.60 20.11 -20.16
CA MET A 205 0.71 19.52 -22.49
CA VAL A 206 0.72 16.06 -24.31
CA HIS A 207 -1.72 14.06 -26.57
CA ARG A 208 -4.55 12.17 -24.75
CA GLN A 209 -4.17 8.92 -26.74
CA TRP A 210 -0.39 8.86 -26.23
CA PHE A 211 -1.04 9.29 -22.52
CA PHE A 212 -3.16 6.13 -22.46
CA ASP A 213 -0.67 3.95 -24.48
CA LEU A 214 2.00 5.17 -22.07
CA PRO A 215 3.71 2.13 -20.26
CA LEU A 216 3.86 3.44 -16.64
CA PRO A 217 1.49 2.08 -13.99
CA TRP A 218 -1.23 4.14 -12.48
CA ALA A 219 -3.60 5.28 -9.82
CA SER A 220 -6.94 7.03 -10.74
CA GLY A 221 -6.65 10.57 -9.28
CA ALA A 222 -9.56 9.98 -6.94
CA THR A 223 -7.08 8.00 -4.75
CA THR A 224 -6.43 10.39 -1.78
CA GLU A 225 -4.29 9.02 0.99
CA THR A 226 -4.89 5.34 0.06
CA PRO A 227 -3.97 4.94 -3.57
CA THR A 228 -4.41 1.74 -5.73
CA TRP A 229 -1.90 0.72 -8.43
CA ASN A 230 -2.86 -0.69 -11.69
CA ARG A 231 -0.47 -2.70 -13.85
CA LYS A 232 2.74 -2.70 -11.74
CA GLU A 233 4.22 -5.15 -14.22
CA LEU A 234 4.88 -2.25 -16.55
CA LEU A 235 7.75 -1.19 -14.18
CA VAL A 236 9.10 -4.32 -12.43
CA THR A 237 11.07 -7.29 -13.78
CA PHE A 238 10.44 -10.61 -12.10
CA LYS A 239 13.27 -13.03 -12.63
CA ASN A 240 13.27 -16.64 -11.49
CA ALA A 241 15.68 -18.70 -9.40
CA HIS A 242 14.42 -22.24 -8.86
CA ALA A 243 11.13 -23.60 -7.50
CA LYS A 244 12.08 -21.91 -4.27
CA LYS A 245 11.56 -18.25 -4.86
CA GLN A 246 11.53 -15.54 -7.51
CA GLU A 247 13.79 -12.54 -7.68
CA VAL A 248 12.10 -9.22 -8.24
CA VAL A 249 13.89 -6.06 -9.34
CA VAL A 250 11.66 -2.55 -9.26
CA LEU A 251 13.31 -0.81 -12.28
CA GLY A 252 12.35 2.71 -11.08
CA SER A 253 13.32 6.47 -11.38
CA GLN A 254 11.71 6.73 -14.90
CA GLU A 255 12.14 10.64 -14.91
CA GLY A 256 14.89 10.28 -17.57
CA ALA A 257 12.82 8.35 -20.09
CA MET A 258 9.75 10.43 -19.24
CA HIS A 259 11.51 13.74 -20.08
CA THR A 260 13.34 12.32 -23.28
CA ALA A 261 10.17 10.89 -24.63
CA LEU A 262 8.50 14.26 -24.10
CA THR A 263 11.20 15.81 -26.53
CA GLY A 264 8.30 17.31 -28.68
CA ALA A 265 6.17 18.48 -25.81
CA THR A 266 5.39 22.19 -24.89
CA GLU A 267 6.16 23.58 -21.44
CA ILE A 268 3.33 24.94 -19.19
CA GLN A 269 4.14 27.13 -16.05
CA ASN A 270 3.17 25.23 -12.95
CA SER A 271 4.95 28.02 -11.06
CA GLY A 272 2.76 30.40 -12.93
CA GLY A 273 -0.44 28.80 -11.52
CA THR A 274 -1.14 26.29 -14.24
CA SER A 275 -0.53 28.89 -16.96
CA ILE A 276 -0.07 27.81 -20.51
CA PHE A 277 2.32 29.54 -22.82
CA ALA A 278 2.46 29.51 -26.59
CA GLY A 279 -1.36 29.38 -26.85
CA HIS A 280 -3.64 30.03 -29.76
CA LEU A 281 -6.77 32.30 -29.78
CA LYS A 282 -8.57 33.83 -32.76
CA CYS A 283 -11.45 36.35 -33.24
CA ARG A 284 -13.13 39.16 -35.25
CA LEU A 285 -11.74 42.66 -34.47
CA LYS A 286 -14.49 45.37 -34.53
CA MET A 287 -12.96 48.80 -35.00
CA ASP A 288 -16.31 50.51 -34.72
CA LYS A 289 -15.54 52.71 -31.63
CA LEU A 290 -11.75 53.04 -31.87
CA GLU A 291 -10.72 56.85 -32.14
CA LEU A 292 -7.42 58.37 -33.45
CA LYS A 293 -6.59 60.95 -30.71
CA GLY A 294 -5.44 64.59 -30.73
CA MET A 295 -7.40 65.52 -33.96
CA SER A 296 -8.73 68.83 -32.29
CA TYR A 297 -5.11 69.87 -31.60
CA ALA A 298 -3.22 71.96 -34.26
CA MET A 299 -0.03 71.35 -36.32
CA CYS A 300 3.25 72.30 -34.80
CA THR A 301 6.17 74.64 -36.01
CA ASN A 302 9.75 75.38 -34.85
CA THR A 303 12.89 73.17 -34.26
CA PHE A 304 13.23 69.47 -34.42
CA VAL A 305 16.37 67.43 -33.58
CA LEU A 306 17.22 63.71 -33.14
CA LYS A 307 17.99 61.39 -30.22
CA LYS A 308 19.07 58.10 -31.88
CA GLU A 309 19.80 56.99 -35.35
CA VAL A 310 17.56 55.65 -38.08
CA SER A 311 17.66 51.88 -38.31
CA GLU A 312 15.89 48.69 -39.55
CA THR A 313 14.40 46.10 -37.22
CA GLN A 314 12.42 43.49 -39.13
CA HIS A 315 12.33 44.05 -42.99
CA GLY A 316 10.63 47.33 -43.81
CA THR A 317 10.31 48.50 -40.11
CA ILE A 318 12.58 51.55 -39.77
CA LEU A 319 12.64 53.06 -36.24
CA ILE A 320 13.60 56.55 -35.23
CA LYS A 321 13.08 59.08 -32.38
CA VAL A 322 13.27 62.85 -32.34
CA GLU A 323 13.42 65.92 -30.00
CA TYR A 324 11.42 69.14 -30.12
CA LYS A 325 11.01 72.69 -28.75
CA GLY A 326 8.67 75.42 -29.83
CA GLU A 327 4.89 75.65 -29.42
CA ASP A 328 3.48 76.19 -26.00
CA ALA A 329 0.49 73.85 -26.49
CA PRO A 330 0.29 70.10 -27.33
CA CYS A 331 0.31 69.66 -31.08
CA LYS A 332 0.50 67.33 -34.07
CA ILE A 333 3.91 66.30 -35.57
CA PRO A 334 4.53 66.83 -39.34
CA PHE A 335 6.36 63.91 -40.79
CA SER A 336 6.65 62.37 -44.29
CA THR A 337 8.54 59.73 -46.41
CA GLU A 338 9.71 60.88 -50.02
CA ASP A 339 11.66 59.11 -52.65
CA GLY A 340 15.19 59.90 -53.76
CA GLN A 341 14.31 63.66 -53.78
CA GLY A 342 11.28 62.94 -55.89
CA LYS A 343 7.90 64.05 -54.95
CA ALA A 344 6.35 60.59 -54.32
CA HIS A 345 5.73 58.78 -51.01
CA ASN A 346 6.34 55.09 -51.88
CA GLY A 347 6.23 54.13 -48.22
CA ARG A 348 4.03 53.83 -45.20
CA LEU A 349 4.07 55.66 -41.97
CA ILE A 350 3.15 52.97 -39.41
CA THR A 351 2.63 55.29 -36.31
CA ALA A 352 -0.11 57.20 -38.14
CA ASN A 353 -0.34 60.51 -36.32
CA PRO A 354 2.38 61.76 -34.02
CA VAL A 355 1.08 63.99 -31.14
CA VAL A 356 3.00 65.51 -28.09
CA THR A 357 1.39 66.23 -24.65
CA LYS A 358 4.18 67.47 -22.27
CA LYS A 359 5.49 69.48 -25.28
CA GLU A 360 9.17 68.67 -25.30
CA GLU A 361 8.77 64.78 -25.35
CA PRO A 362 11.00 62.89 -27.74
CA VAL A 363 8.32 60.27 -28.77
CA ASN A 364 9.10 57.33 -31.18
CA ILE A 365 8.27 56.87 -34.90
CA GLU A 366 7.90 53.66 -37.00
CA ALA A 367 7.95 53.69 -40.92
CA GLU A 368 8.16 51.36 -43.94
CA PRO A 369 10.35 53.24 -46.57
CA PRO A 370 11.04 52.93 -50.30
CA PHE A 371 13.05 49.92 -51.45
CA GLY A 372 16.10 51.95 -52.52
CA GLU A 373 16.76 55.54 -51.62
CA SER A 374 14.39 57.67 -49.34
CA ASN A 375 14.13 61.03 -47.70
CA ILE A 376 12.14 61.21 -44.41
CA VAL A 377 11.17 64.82 -43.84
CA ILE A 378 9.50 66.66 -40.92
CA GLY A 379 8.72 69.59 -43.39
CA ILE A 380 7.68 72.89 -41.71
CA GLY A 381 8.90 75.32 -44.49
CA ASP A 382 12.70 75.27 -44.36
CA ASN A 383 12.51 71.36 -44.10
CA ALA A 384 13.27 71.80 -40.31
CA LEU A 385 15.03 68.42 -39.89
CA LYS A 386 15.75 66.01 -42.78
CA ILE A 387 17.00 62.37 -43.02
CA ASN A 388 18.12 60.55 -46.23
CA TRP A 389 18.13 56.68 -45.81
CA TYR A 390 18.93 53.67 -48.00
CA LYS A 391 17.21 50.39 -47.90
CA LYS A 392 19.30 47.39 -49.25
CA GLY A 393 16.16 45.36 -49.70
CA MET B 1 -41.98 -49.29 -23.06
CA ARG B 2 -41.96 -47.57 -19.56
CA CYS B 3 -40.77 -44.38 -21.39
CA VAL B 4 -44.26 -44.18 -23.24
CA GLY B 5 -46.18 -40.97 -22.28
CA VAL B 6 -43.19 -38.86 -21.25
CA GLY B 7 -44.05 -35.99 -23.65
CA ASN B 8 -40.58 -35.78 -25.34
CA ARG B 9 -39.46 -38.92 -27.33
CA ASP B 10 -38.42 -40.04 -30.72
CA PHE B 11 -37.74 -43.15 -32.60
CA VAL B 12 -34.27 -43.88 -34.28
CA GLU B 13 -35.22 -46.60 -36.78
CA GLY B 14 -32.44 -48.82 -38.14
CA LEU B 15 -28.79 -49.45 -37.27
CA SER B 16 -26.24 -47.33 -39.39
CA GLY B 17 -23.49 -49.39 -41.13
CA ALA B 18 -22.56 -52.55 -39.29
CA THR B 19 -24.39 -52.01 -35.87
CA TRP B 20 -22.97 -48.36 -35.71
CA VAL B 21 -25.73 -46.14 -34.23
CA ASP B 22 -25.28 -42.44 -33.32
CA VAL B 23 -27.13 -40.90 -30.48
CA VAL B 24 -27.46 -37.79 -28.40
CA LEU B 25 -29.46 -37.49 -25.03
CA GLU B 26 -30.52 -34.20 -23.46
CA HIS B 27 -32.19 -35.61 -20.33
CA GLY B 28 -35.61 -33.98 -20.82
CA GLY B 29 -36.15 -36.44 -23.79
CA CYS B 30 -36.18 -40.08 -24.61
CA VAL B 31 -34.29 -41.78 -27.29
CA THR B 32 -35.89 -45.04 -28.60
CA THR B 33 -34.24 -47.27 -31.17
CA MET B 34 -35.62 -49.99 -33.62
CA ALA B 35 -33.83 -52.52 -35.72
CA LYS B 36 -34.13 -55.39 -38.20
CA ASN B 37 -34.19 -58.71 -36.31
CA LYS B 38 -32.94 -57.23 -33.02
CA PRO B 39 -35.19 -55.87 -30.09
CA THR B 40 -36.29 -52.24 -29.37
CA LEU B 41 -34.97 -50.19 -26.47
CA ASP B 42 -36.02 -46.93 -24.73
CA ILE B 43 -32.98 -44.98 -23.57
CA GLU B 44 -33.05 -42.50 -20.68
CA LEU B 45 -30.22 -40.18 -19.63
CA GLN B 46 -30.84 -39.20 -16.05
CA LYS B 47 -29.01 -37.69 -13.15
CA THR B 48 -25.45 -36.86 -13.03
CA GLU B 49 -23.64 -36.62 -9.65
CA ALA B 50 -20.31 -35.08 -8.48
CA THR B 51 -18.20 -35.74 -5.27
CA GLN B 52 -14.95 -34.43 -3.66
CA LEU B 53 -16.14 -31.09 -4.74
CA ALA B 54 -13.50 -28.42 -5.72
CA THR B 55 -14.85 -25.08 -4.37
CA LEU B 56 -14.29 -21.25 -4.73
CA ARG B 57 -15.90 -17.77 -3.73
CA LYS B 58 -18.35 -17.44 -0.94
CA LEU B 59 -20.72 -14.39 -0.84
CA CYS B 60 -23.13 -13.10 1.86
CA ILE B 61 -26.72 -12.12 1.66
CA GLU B 62 -26.92 -10.66 5.25
CA GLY B 63 -24.17 -8.56 6.99
CA LYS B 64 -24.07 -7.16 10.49
CA ILE B 65 -22.17 -4.06 11.53
CA THR B 66 -20.62 -3.35 14.90
CA ASN B 67 -17.81 -1.32 16.51
CA ILE B 68 -18.46 1.86 14.58
CA THR B 69 -16.00 4.58 15.49
CA THR B 70 -15.98 7.94 13.75
CA ASP B 71 -13.19 10.45 13.72
CA SER B 72 -13.96 13.90 12.56
CA ARG B 73 -12.26 17.28 12.40
CA CYS B 74 -13.31 20.85 11.66
CA PRO B 75 -12.27 22.79 8.52
CA THR B 76 -8.48 22.81 8.33
CA GLN B 77 -8.22 21.77 11.97
CA GLY B 78 -6.81 18.43 11.07
CA GLU B 79 -7.10 15.46 8.79
CA ALA B 80 -9.09 12.59 10.28
CA VAL B 81 -7.11 9.38 10.47
CA LEU B 82 -8.07 5.98 11.87
CA PRO B 83 -5.77 3.09 12.76
CA GLU B 84 -8.81 0.88 12.16
CA GLU B 85 -8.18 1.32 8.38
CA GLN B 86 -5.26 -1.07 8.80
CA ASP B 87 -7.51 -3.74 10.31
CA GLN B 88 -8.93 -6.10 7.70
CA ASN B 89 -12.09 -6.96 9.63
CA TYR B 90 -13.11 -3.30 9.68
CA VAL B 91 -14.51 -1.56 6.61
CA CYS B 92 -13.89 2.18 6.45
CA LYS B 93 -14.85 5.20 4.35
CA HIS B 94 -13.23 8.63 4.22
CA THR B 95 -15.22 11.77 3.39
CA TYR B 96 -15.15 15.53 3.85
CA VAL B 97 -18.36 17.35 4.84
CA ASP B 98 -19.27 21.06 5.03
CA ARG B 99 -19.20 23.16 8.17
CA GLY B 100 -19.84 26.89 8.52
CA TRP B 101 -19.38 29.59 11.16
CA GLY B 102 -21.62 29.16 14.21
CA ASN B 103 -23.17 25.92 12.98
CA GLY B 104 -21.05 23.08 14.32
CA CYS B 105 -17.54 24.50 14.16
CA GLY B 106 -16.62 28.16 13.91
CA LEU B 107 -14.47 27.63 10.82
CA PHE B 108 -16.00 27.96 7.35
CA GLY B 109 -15.02 25.12 5.05
CA LYS B 110 -15.14 21.37 4.69
CA GLY B 111 -13.64 19.29 7.51
CA SER B 112 -12.23 15.80 7.33
CA LEU B 113 -13.78 12.48 8.39
CA VAL B 114 -12.71 8.85 8.43
CA THR B 115 -15.13 6.32 9.89
CA CYS B 116 -14.49 2.60 10.44
CA ALA B 117 -16.76 -0.22 11.62
CA LYS B 118 -16.12 -3.92 12.16
CA PHE B 119 -17.94 -6.03 9.61
CA GLN B 120 -19.11 -9.48 10.64
CA CYS B 121 -21.15 -11.96 7.62
CA LEU B 122 -24.57 -13.54 8.09
CA GLU B 123 -25.83 -16.34 6.03
CA PRO B 124 -23.23 -16.73 3.24
CA ILE B 125 -23.46 -18.89 0.00
CA GLU B 126 -20.78 -20.93 -2.05
CA GLY B 127 -19.62 -22.08 -5.50
CA LYS B 128 -18.32 -25.55 -6.55
CA VAL B 129 -16.40 -25.94 -9.81
CA VAL B 130 -16.35 -29.64 -9.78
CA GLN B 131 -13.81 -32.13 -11.20
CA TYR B 132 -14.60 -34.13 -14.27
CA GLU B 133 -13.01 -37.16 -12.65
CA ASN B 134 -16.03 -37.51 -10.22
CA LEU B 135 -18.67 -36.37 -12.60
CA LYS B 136 -20.90 -39.55 -12.73
CA TYR B 137 -23.82 -39.83 -15.31
CA THR B 138 -26.66 -42.44 -15.32
CA VAL B 139 -28.12 -43.97 -18.54
CA ILE B 140 -31.12 -46.37 -17.94
CA ILE B 141 -31.70 -48.71 -20.90
CA THR B 142 -35.21 -50.14 -20.78
CA VAL B 143 -35.85 -53.14 -23.15
CA HIS B 144 -39.16 -53.67 -24.95
CA THR B 145 -39.79 -57.10 -23.23
CA GLY B 146 -43.27 -56.04 -21.99
CA ASP B 147 -43.10 -57.49 -18.51
CA GLN B 148 -46.26 -57.19 -16.33
CA HIS B 149 -44.89 -54.95 -13.54
CA GLN B 150 -42.41 -53.42 -16.02
CA VAL B 151 -44.28 -50.31 -17.00
CA GLY B 152 -45.08 -49.19 -13.45
CA ASN B 153 -41.56 -50.13 -12.22
CA GLU B 154 -38.89 -47.37 -12.89
CA THR B 155 -35.95 -49.69 -11.89
CA GLN B 156 -36.81 -52.40 -14.48
CA GLY B 157 -33.99 -51.41 -16.87
CA VAL B 158 -30.20 -51.64 -16.88
CA THR B 159 -28.36 -48.78 -15.33
CA ALA B 160 -25.17 -47.67 -16.90
CA GLU B 161 -23.31 -45.23 -14.78
CA ILE B 162 -20.62 -42.59 -14.18
CA THR B 163 -17.41 -41.43 -12.35
CA PRO B 164 -14.58 -39.46 -14.15
CA GLN B 165 -12.10 -42.21 -13.18
CA ALA B 166 -13.43 -44.09 -16.32
CA SER B 167 -15.42 -42.36 -19.11
CA THR B 168 -16.02 -45.52 -21.01
CA THR B 169 -18.68 -48.76 -21.09
CA GLU B 170 -20.07 -52.32 -21.83
CA ALA B 171 -23.72 -52.57 -20.73
CA ILE B 172 -24.25 -56.09 -19.64
CA LEU B 173 -27.96 -56.88 -20.04
CA PRO B 174 -29.45 -60.04 -18.48
CA GLU B 175 -30.71 -62.46 -21.22
CA TYR B 176 -30.22 -59.84 -23.85
CA GLY B 177 -26.51 -59.46 -24.35
CA THR B 178 -24.16 -56.50 -23.88
CA LEU B 179 -24.50 -53.07 -25.43
CA GLY B 180 -21.55 -50.99 -26.27
CA LEU B 181 -21.78 -47.24 -25.59
CA GLU B 182 -18.94 -44.89 -26.45
CA CYS B 183 -19.37 -41.26 -24.95
CA SER B 184 -18.21 -37.79 -25.24
CA PRO B 185 -18.38 -36.71 -21.59
CA ARG B 186 -16.35 -33.35 -21.49
CA THR B 187 -19.19 -31.38 -22.98
CA GLY B 188 -22.93 -30.17 -22.44
CA LEU B 189 -22.62 -28.78 -18.93
CA ASP B 190 -19.04 -27.27 -19.41
CA PHE B 191 -17.53 -26.74 -15.85
CA ASN B 192 -15.49 -24.11 -17.44
CA GLU B 193 -18.23 -21.75 -18.45
CA MET B 194 -20.62 -22.82 -15.71
CA ILE B 195 -20.56 -22.50 -11.80
CA LEU B 196 -22.52 -24.89 -9.67
CA LEU B 197 -23.49 -23.02 -6.47
CA THR B 198 -25.44 -24.07 -3.38
CA MET B 199 -27.90 -22.23 -1.25
CA LYS B 200 -29.98 -23.73 1.53
CA ASN B 201 -31.07 -27.21 0.34
CA LYS B 202 -31.15 -26.37 -3.38
CA ALA B 203 -28.47 -25.46 -5.92
CA TRP B 204 -28.16 -24.07 -9.37
CA MET B 205 -25.74 -23.93 -12.26
CA VAL B 206 -24.95 -20.35 -13.60
CA HIS B 207 -22.48 -18.76 -16.12
CA ARG B 208 -18.87 -18.20 -14.83
CA GLN B 209 -18.53 -14.66 -16.27
CA TRP B 210 -21.90 -13.57 -14.85
CA PHE B 211 -20.73 -14.88 -11.49
CA PHE B 212 -17.71 -12.56 -11.57
CA ASP B 213 -19.66 -9.40 -12.65
CA LEU B 214 -22.06 -10.21 -9.82
CA PRO B 215 -22.29 -7.20 -7.31
CA LEU B 216 -22.16 -9.08 -3.93
CA PRO B 217 -19.00 -9.03 -1.80
CA TRP B 218 -16.90 -12.05 -1.26
CA ALA B 219 -14.57 -14.33 0.58
CA SER B 220 -12.25 -16.78 -1.33
CA GLY B 221 -13.42 -20.28 -0.28
CA ALA B 222 -10.08 -21.04 1.33
CA THR B 223 -11.29 -18.88 4.28
CA THR B 224 -12.11 -21.49 7.02
CA GLU B 225 -13.09 -20.10 10.38
CA THR B 226 -11.48 -16.66 9.77
CA PRO B 227 -12.90 -15.31 6.55
CA THR B 228 -11.85 -12.05 4.75
CA TRP B 229 -14.36 -9.83 2.88
CA ASN B 230 -13.63 -8.17 -0.32
CA ARG B 231 -15.58 -5.16 -1.57
CA LYS B 232 -18.14 -4.60 1.24
CA GLU B 233 -19.16 -1.40 -0.49
CA LEU B 234 -21.18 -3.47 -2.92
CA LEU B 235 -23.73 -4.06 -0.07
CA VAL B 236 -23.60 -1.06 2.32
CA THR B 237 -24.68 2.55 1.87
CA PHE B 238 -22.67 5.15 3.73
CA LYS B 239 -24.58 8.36 4.20
CA ASN B 240 -23.16 11.52 5.73
CA ALA B 241 -24.28 13.75 8.57
CA HIS B 242 -21.84 16.59 9.20
CA ALA B 243 -18.09 16.62 9.87
CA LYS B 244 -18.90 14.71 13.02
CA LYS B 245 -19.75 11.23 11.88
CA GLN B 246 -21.14 9.21 9.00
CA GLU B 247 -24.27 7.10 9.02
CA VAL B 248 -23.92 3.61 7.68
CA VAL B 249 -26.84 1.40 6.68
CA VAL B 250 -25.93 -2.57 5.80
CA LEU B 251 -28.62 -3.12 3.07
CA GLY B 252 -28.68 -6.94 3.59
CA SER B 253 -30.88 -10.10 3.08
CA GLN B 254 -30.17 -10.15 -0.73
CA GLU B 255 -31.87 -13.67 -1.09
CA GLY B 256 -34.80 -12.02 -2.95
CA ALA B 257 -32.73 -10.35 -5.64
CA MET B 258 -30.43 -13.37 -5.82
CA HIS B 259 -33.32 -15.77 -6.60
CA THR B 260 -35.14 -13.29 -9.06
CA ALA B 261 -32.02 -12.63 -10.97
CA LEU B 262 -31.49 -16.39 -11.26
CA THR B 263 -34.97 -16.57 -13.13
CA GLY B 264 -33.21 -18.42 -16.08
CA ALA B 265 -31.07 -20.71 -13.99
CA THR B 266 -31.42 -24.57 -13.73
CA GLU B 267 -31.93 -26.31 -10.39
CA ILE B 268 -29.34 -28.85 -9.08
CA GLN B 269 -30.21 -31.27 -6.12
CA ASN B 270 -28.07 -30.37 -3.15
CA SER B 271 -30.28 -32.81 -1.24
CA GLY B 272 -29.41 -35.34 -3.86
CA GLY B 273 -25.65 -35.05 -3.08
CA THR B 274 -24.70 -32.39 -5.58
CA SER B 275 -26.66 -34.11 -8.36
CA ILE B 276 -27.40 -32.29 -11.53
CA PHE B 277 -30.64 -32.74 -13.38
CA ALA B 278 -31.48 -31.96 -16.95
CA GLY B 279 -27.96 -32.93 -18.13
CA HIS B 280 -26.64 -33.66 -21.55
CA LEU B 281 -24.53 -36.71 -22.62
CA LYS B 282 -23.93 -38.10 -26.11
CA CYS B 283 -22.21 -41.22 -27.58
CA ARG B 284 -21.98 -43.97 -30.26
CA LEU B 285 -24.28 -46.98 -29.59
CA LYS B 286 -22.66 -50.32 -30.65
CA MET B 287 -25.30 -52.98 -31.14
CA ASP B 288 -22.73 -55.63 -31.88
CA LYS B 289 -23.58 -58.05 -28.98
CA LEU B 290 -27.23 -57.18 -28.34
CA GLU B 291 -29.51 -60.38 -28.80
CA LEU B 292 -33.32 -60.58 -29.42
CA LYS B 293 -34.41 -63.27 -26.89
CA GLY B 294 -36.69 -66.33 -27.07
CA MET B 295 -35.82 -67.16 -30.77
CA SER B 296 -35.37 -70.97 -29.89
CA TYR B 297 -38.91 -71.01 -28.46
CA ALA B 298 -41.87 -71.89 -30.81
CA MET B 299 -45.02 -69.96 -31.93
CA CYS B 300 -48.06 -70.18 -29.77
CA THR B 301 -51.77 -71.27 -30.52
CA ASN B 302 -55.10 -71.10 -28.61
CA THR B 303 -57.14 -68.22 -27.00
CA PHE B 304 -56.25 -64.63 -26.64
CA VAL B 305 -58.32 -61.95 -24.81
CA LEU B 306 -57.77 -58.29 -23.74
CA LYS B 307 -57.14 -56.46 -20.46
CA LYS B 308 -57.36 -52.75 -21.40
CA GLU B 309 -58.35 -50.83 -24.42
CA VAL B 310 -56.35 -49.71 -27.44
CA SER B 311 -55.23 -46.12 -27.18
CA GLU B 312 -52.78 -43.42 -28.44
CA THR B 313 -50.08 -41.89 -26.25
CA GLN B 314 -47.76 -39.67 -28.25
CA HIS B 315 -48.60 -39.47 -32.06
CA GLY B 316 -48.29 -42.89 -33.66
CA THR B 317 -47.67 -44.81 -30.32
CA ILE B 318 -50.73 -47.03 -29.81
CA LEU B 319 -50.59 -49.11 -26.57
CA ILE B 320 -52.44 -52.28 -25.77
CA LYS B 321 -52.27 -55.35 -23.46
CA VAL B 322 -53.68 -58.83 -23.83
CA GLU B 323 -54.39 -62.10 -21.91
CA TYR B 324 -53.65 -65.69 -22.90
CA LYS B 325 -54.19 -69.39 -22.10
CA GLY B 326 -53.15 -72.43 -24.05
CA GLU B 327 -49.65 -73.85 -24.60
CA ASP B 328 -47.87 -75.43 -21.73
CA ALA B 329 -44.42 -74.04 -22.65
CA PRO B 330 -43.15 -70.43 -23.05
CA CYS B 331 -43.75 -69.30 -26.59
CA LYS B 332 -43.72 -66.49 -29.16
CA ILE B 333 -46.82 -64.21 -29.64
CA PRO B 334 -48.30 -63.81 -33.18
CA PHE B 335 -49.29 -60.26 -33.78
CA SER B 336 -49.74 -58.05 -36.89
CA THR B 337 -51.00 -54.61 -38.16
CA GLU B 338 -53.17 -54.66 -41.48
CA ASP B 339 -54.88 -51.91 -43.32
CA GLY B 340 -58.62 -51.38 -43.62
CA GLN B 341 -59.05 -55.16 -44.30
CA GLY B 342 -56.43 -54.98 -46.98
CA LYS B 343 -53.50 -57.21 -47.05
CA ALA B 344 -50.80 -54.56 -46.40
CA HIS B 345 -48.98 -53.68 -43.15
CA ASN B 346 -48.49 -49.88 -43.40
CA GLY B 347 -47.35 -49.71 -39.79
CA ARG B 348 -44.63 -50.67 -37.40
CA LEU B 349 -44.65 -52.98 -34.49
CA ILE B 350 -42.41 -51.24 -31.92
CA THR B 351 -42.11 -54.16 -29.35
CA ALA B 352 -40.58 -56.41 -32.02
CA ASN B 353 -41.11 -59.92 -30.71
CA PRO B 354 -43.59 -60.72 -27.98
CA VAL B 355 -42.58 -63.74 -25.80
CA VAL B 356 -44.27 -65.18 -22.57
CA THR B 357 -42.37 -67.00 -19.75
CA LYS B 358 -44.88 -67.78 -16.91
CA LYS B 359 -47.35 -68.70 -19.74
CA GLU B 360 -50.48 -66.83 -18.75
CA GLU B 361 -48.83 -63.31 -18.44
CA PRO B 362 -50.71 -60.42 -19.97
CA VAL B 363 -47.56 -58.57 -21.30
CA ASN B 364 -47.78 -55.12 -23.07
CA ILE B 365 -47.57 -54.23 -26.81
CA GLU B 366 -46.56 -50.94 -28.54
CA ALA B 367 -47.38 -50.20 -32.30
CA GLU B 368 -47.39 -47.38 -34.88
CA PRO B 369 -50.53 -47.97 -37.10
CA PRO B 370 -51.78 -46.76 -40.48
CA PHE B 371 -52.87 -43.13 -40.73
CA GLY B 372 -56.56 -43.92 -41.25
CA GLU B 373 -58.20 -47.25 -40.65
CA SER B 374 -56.28 -50.38 -39.29
CA ASN B 375 -56.85 -53.92 -38.18
CA ILE B 376 -54.43 -55.31 -35.53
CA VAL B 377 -54.62 -59.09 -35.64
CA ILE B 378 -53.13 -61.86 -33.46
CA GLY B 379 -53.87 -64.37 -36.39
CA ILE B 380 -53.68 -68.09 -35.41
CA GLY B 381 -56.15 -69.46 -38.08
CA ASP B 382 -59.62 -68.30 -37.02
CA ASN B 383 -58.09 -64.75 -36.35
CA ALA B 384 -58.20 -65.67 -32.56
CA LEU B 385 -58.64 -62.06 -31.33
CA LYS B 386 -59.04 -59.04 -33.65
CA ILE B 387 -59.04 -55.21 -33.14
CA ASN B 388 -60.08 -52.57 -35.73
CA TRP B 389 -58.71 -49.02 -34.86
CA TYR B 390 -58.88 -45.55 -36.42
CA LYS B 391 -56.18 -43.01 -36.35
CA LYS B 392 -57.36 -39.32 -36.77
CA GLY B 393 -53.87 -38.28 -37.74
CA MET C 1 4.02 -40.82 -22.27
CA ARG C 2 4.19 -38.27 -19.33
CA CYS C 3 5.75 -35.82 -21.88
CA VAL C 4 2.33 -35.74 -23.85
CA GLY C 5 0.77 -32.21 -23.83
CA VAL C 6 3.97 -30.21 -23.27
CA GLY C 7 3.47 -28.02 -26.35
CA ASN C 8 6.96 -28.62 -27.90
CA ARG C 9 7.74 -32.27 -28.97
CA ASP C 10 8.68 -34.34 -31.91
CA PHE C 11 9.02 -37.90 -32.88
CA VAL C 12 12.41 -39.41 -34.18
CA GLU C 13 11.18 -42.57 -35.92
CA GLY C 14 13.70 -45.35 -36.55
CA LEU C 15 17.25 -46.12 -35.40
CA SER C 16 20.04 -44.90 -37.90
CA GLY C 17 22.57 -47.63 -38.93
CA ALA C 18 23.11 -50.28 -36.30
CA THR C 19 21.32 -48.67 -33.22
CA TRP C 20 23.15 -45.28 -33.94
CA VAL C 21 20.63 -42.46 -33.20
CA ASP C 22 21.49 -38.72 -33.27
CA VAL C 23 19.79 -36.32 -30.99
CA VAL C 24 19.79 -32.75 -29.80
CA LEU C 25 17.80 -31.36 -26.71
CA GLU C 26 17.11 -27.68 -26.10
CA HIS C 27 15.26 -28.04 -22.78
CA GLY C 28 12.05 -26.25 -23.80
CA GLY C 29 11.27 -29.31 -26.06
CA CYS C 30 10.83 -33.02 -25.91
CA VAL C 31 12.54 -35.55 -27.98
CA THR C 32 10.60 -38.85 -28.46
CA THR C 33 12.02 -41.85 -30.30
CA MET C 34 10.36 -44.94 -32.02
CA ALA C 35 11.88 -48.10 -33.32
CA LYS C 36 11.28 -51.49 -34.97
CA ASN C 37 10.83 -54.17 -32.29
CA LYS C 38 12.19 -52.02 -29.45
CA PRO C 39 10.08 -49.71 -27.07
CA THR C 40 9.40 -45.92 -27.35
CA LEU C 41 10.91 -43.33 -25.04
CA ASP C 42 10.22 -39.64 -24.25
CA ILE C 43 13.45 -37.79 -23.50
CA GLU C 44 13.63 -34.64 -21.37
CA LEU C 45 16.70 -32.45 -20.84
CA GLN C 46 16.15 -30.50 -17.66
CA LYS C 47 18.11 -28.48 -15.18
CA THR C 48 21.73 -28.05 -15.14
CA GLU C 49 23.52 -27.12 -11.87
CA ALA C 50 27.00 -25.68 -11.01
CA THR C 51 28.98 -25.70 -7.65
CA GLN C 52 32.34 -24.37 -6.30
CA LEU C 53 31.54 -21.32 -8.26
CA ALA C 54 34.48 -19.29 -9.80
CA THR C 55 33.51 -15.60 -9.41
CA LEU C 56 34.49 -12.07 -10.72
CA ARG C 57 33.27 -8.30 -10.73
CA LYS C 58 30.86 -7.00 -8.22
CA LEU C 59 28.85 -3.79 -9.01
CA CYS C 60 26.56 -1.59 -6.84
CA ILE C 61 23.11 -0.32 -7.44
CA GLU C 62 23.03 2.03 -4.35
CA GLY C 63 26.00 4.22 -3.10
CA LYS C 64 26.21 6.46 -0.08
CA ILE C 65 28.43 9.51 0.20
CA THR C 66 30.02 10.91 3.33
CA ASN C 67 33.03 12.97 4.45
CA ILE C 68 32.75 15.60 1.75
CA THR C 69 35.50 18.18 2.03
CA THR C 70 35.92 20.95 -0.53
CA ASP C 71 38.98 23.04 -1.09
CA SER C 72 38.62 26.14 -3.14
CA ARG C 73 40.68 29.16 -4.11
CA CYS C 74 40.05 32.50 -5.79
CA PRO C 75 41.34 33.42 -9.29
CA THR C 76 45.12 32.99 -9.30
CA GLN C 77 45.20 32.92 -5.51
CA GLY C 78 46.25 29.33 -5.46
CA GLU C 79 45.64 25.90 -6.91
CA ALA C 80 43.32 23.75 -4.81
CA VAL C 81 44.94 20.52 -3.71
CA LEU C 82 43.59 17.73 -1.51
CA PRO C 83 45.53 14.94 0.18
CA GLU C 84 42.27 12.99 0.04
CA GLU C 85 42.98 12.36 -3.68
CA GLN C 86 45.61 9.86 -2.54
CA ASP C 87 43.04 7.93 -0.48
CA GLN C 88 41.40 5.13 -2.45
CA ASN C 89 38.14 5.15 -0.49
CA TYR C 90 37.55 8.79 -1.43
CA VAL C 91 36.37 9.80 -4.89
CA CYS C 92 37.43 13.28 -5.99
CA LYS C 93 36.83 15.74 -8.85
CA HIS C 94 38.84 18.82 -9.80
CA THR C 95 37.22 21.81 -11.49
CA TYR C 96 37.70 25.54 -12.01
CA VAL C 97 34.70 27.89 -11.65
CA ASP C 98 34.23 31.59 -12.49
CA ARG C 99 34.50 34.43 -9.98
CA GLY C 100 34.28 38.15 -10.64
CA TRP C 101 35.02 41.38 -8.78
CA GLY C 102 32.72 42.02 -5.81
CA ASN C 103 30.83 38.74 -6.23
CA GLY C 104 32.59 36.15 -4.11
CA CYS C 105 36.24 37.10 -4.49
CA GLY C 106 37.57 40.45 -5.64
CA LEU C 107 39.68 38.90 -8.40
CA PHE C 108 38.23 38.48 -11.89
CA GLY C 109 38.93 35.04 -13.34
CA LYS C 110 38.37 31.36 -12.72
CA GLY C 111 39.59 29.95 -9.40
CA SER C 112 40.61 26.40 -8.61
CA LEU C 113 38.68 23.66 -6.79
CA VAL C 114 39.34 20.08 -5.77
CA THR C 115 36.62 18.28 -3.80
CA CYS C 116 36.83 14.80 -2.27
CA ALA C 117 34.25 12.64 -0.50
CA LYS C 118 34.46 9.16 1.00
CA PHE C 119 32.43 6.66 -0.97
CA GLN C 120 30.87 3.76 0.85
CA CYS C 121 28.60 0.80 -1.50
CA LEU C 122 25.02 -0.23 -0.76
CA GLU C 123 23.48 -3.32 -2.08
CA PRO C 124 26.04 -4.70 -4.57
CA ILE C 125 25.60 -7.60 -7.15
CA GLU C 126 28.04 -10.38 -8.49
CA GLY C 127 29.12 -12.51 -11.47
CA LYS C 128 30.03 -16.25 -11.53
CA VAL C 129 31.92 -17.69 -14.50
CA VAL C 130 31.56 -21.23 -13.50
CA GLN C 131 33.81 -24.27 -14.14
CA TYR C 132 32.84 -26.89 -16.62
CA GLU C 133 34.06 -29.56 -14.19
CA ASN C 134 30.98 -28.92 -11.90
CA LEU C 135 28.52 -28.18 -14.58
CA LYS C 136 25.94 -31.02 -13.97
CA TYR C 137 23.05 -31.66 -16.50
CA THR C 138 19.92 -33.87 -15.94
CA VAL C 139 18.33 -36.02 -18.71
CA ILE C 140 15.08 -37.85 -17.63
CA ILE C 141 14.26 -40.80 -19.92
CA THR C 142 10.61 -41.77 -19.56
CA VAL C 143 9.67 -45.20 -21.10
CA HIS C 144 6.33 -45.83 -22.83
CA THR C 145 5.31 -48.59 -20.30
CA GLY C 146 1.96 -46.89 -19.52
CA ASP C 147 1.93 -47.39 -15.78
CA GLN C 148 -1.22 -46.20 -13.89
CA HIS C 149 0.37 -43.45 -11.72
CA GLN C 150 3.03 -42.91 -14.41
CA VAL C 151 1.55 -39.98 -16.24
CA GLY C 152 0.84 -37.89 -13.13
CA ASN C 153 4.21 -38.85 -11.56
CA GLU C 154 7.18 -36.65 -12.82
CA THR C 155 9.84 -38.93 -11.14
CA GLN C 156 8.71 -42.11 -12.96
CA GLY C 157 11.64 -42.09 -15.41
CA VAL C 158 15.39 -42.72 -15.21
CA THR C 159 17.51 -39.76 -14.38
CA ALA C 160 20.82 -39.46 -16.06
CA GLU C 161 22.94 -36.75 -14.57
CA ILE C 162 26.01 -36.10 -16.66
CA THR C 163 29.19 -34.05 -15.99
CA PRO C 164 31.75 -32.93 -18.69
CA GLN C 165 34.43 -35.04 -16.97
CA ALA C 166 32.94 -38.02 -18.94
CA SER C 167 30.62 -37.58 -21.97
CA THR C 168 29.79 -41.18 -22.37
CA THR C 169 27.23 -42.46 -19.87
CA GLU C 170 25.43 -45.74 -19.41
CA ALA C 171 21.76 -45.30 -18.42
CA ILE C 172 20.82 -48.34 -16.48
CA LEU C 173 17.05 -48.81 -16.81
CA PRO C 174 15.19 -51.28 -14.54
CA GLU C 175 13.70 -54.18 -16.62
CA TYR C 176 14.52 -52.41 -19.82
CA GLY C 177 18.24 -52.57 -20.25
CA THR C 178 20.91 -49.85 -20.47
CA LEU C 179 20.98 -46.95 -22.87
CA GLY C 180 24.15 -45.48 -24.09
CA LEU C 181 24.35 -41.68 -24.42
CA GLU C 182 27.44 -39.95 -25.74
CA CYS C 183 27.41 -36.03 -25.25
CA SER C 184 28.96 -32.90 -26.39
CA PRO C 185 28.86 -30.89 -23.16
CA ARG C 186 31.26 -27.86 -23.85
CA THR C 187 28.68 -26.06 -25.92
CA GLY C 188 25.10 -24.36 -25.86
CA LEU C 189 25.52 -22.14 -22.81
CA ASP C 190 29.25 -21.18 -23.53
CA PHE C 191 30.78 -19.91 -20.16
CA ASN C 192 33.12 -18.03 -22.30
CA GLU C 193 30.67 -15.74 -24.00
CA MET C 194 28.15 -15.79 -21.17
CA ILE C 195 28.21 -14.46 -17.48
CA LEU C 196 25.96 -15.99 -14.88
CA LEU C 197 25.17 -13.25 -12.31
CA THR C 198 23.09 -13.24 -9.14
CA MET C 199 20.83 -10.66 -7.65
CA LYS C 200 18.55 -11.15 -4.67
CA ASN C 201 17.09 -14.68 -4.96
CA LYS C 202 17.15 -14.84 -8.78
CA ALA C 203 19.94 -14.92 -11.35
CA TRP C 204 20.45 -14.52 -15.03
CA MET C 205 22.90 -15.40 -17.76
CA VAL C 206 24.10 -12.40 -19.94
CA HIS C 207 26.77 -11.80 -22.69
CA ARG C 208 30.40 -11.30 -21.45
CA GLN C 209 31.15 -8.33 -23.74
CA TRP C 210 27.91 -6.56 -22.79
CA PHE C 211 28.89 -7.05 -19.16
CA PHE C 212 32.16 -5.17 -19.72
CA ASP C 213 30.58 -2.21 -21.66
CA LEU C 214 28.07 -2.00 -18.82
CA PRO C 215 28.17 1.57 -17.17
CA LEU C 216 28.05 0.64 -13.42
CA PRO C 217 31.16 0.92 -11.25
CA TRP C 218 32.91 -2.06 -9.87
CA ALA C 219 34.95 -4.02 -7.40
CA SER C 220 37.00 -7.12 -8.52
CA GLY C 221 35.43 -10.08 -6.65
CA ALA C 222 38.64 -10.75 -4.76
CA THR C 223 37.65 -7.77 -2.53
CA THR C 224 36.50 -9.46 0.75
CA GLU C 225 35.65 -7.15 3.60
CA THR C 226 37.65 -4.17 2.18
CA PRO C 227 36.42 -3.58 -1.33
CA THR C 228 37.85 -1.03 -3.87
CA TRP C 229 35.64 0.88 -6.35
CA ASN C 230 36.59 1.55 -9.83
CA ARG C 231 35.00 4.32 -11.90
CA LYS C 232 32.49 5.86 -9.43
CA GLU C 233 31.86 8.59 -11.97
CA LEU C 234 29.64 6.18 -13.86
CA LEU C 235 27.01 6.63 -11.05
CA VAL C 236 27.46 10.12 -9.53
CA THR C 237 26.79 13.59 -10.95
CA PHE C 238 29.06 16.35 -9.74
CA LYS C 239 27.53 19.76 -10.18
CA ASN C 240 29.28 23.03 -9.48
CA ALA C 241 28.38 26.05 -7.37
CA HIS C 242 31.13 28.67 -7.39
CA ALA C 243 34.85 28.48 -6.60
CA LYS C 244 33.79 27.55 -3.11
CA LYS C 245 32.56 24.01 -3.34
CA GLN C 246 30.99 21.46 -5.64
CA GLU C 247 27.64 19.78 -5.20
CA VAL C 248 27.61 16.04 -5.57
CA VAL C 249 24.47 13.97 -6.08
CA VAL C 250 24.94 9.84 -5.88
CA LEU C 251 22.23 8.87 -8.46
CA GLY C 252 21.72 5.36 -6.98
CA SER C 253 21.15 2.77 -9.03
CA GLN C 254 21.67 1.39 -12.24
CA GLU C 255 19.19 -1.53 -11.33
CA GLY C 256 16.64 -0.07 -13.82
CA ALA C 257 18.93 -0.04 -16.85
CA MET C 258 20.47 -3.34 -15.76
CA HIS C 259 17.09 -5.14 -15.72
CA THR C 260 15.78 -3.43 -19.03
CA ALA C 261 18.90 -4.26 -20.88
CA LEU C 262 18.54 -7.86 -19.72
CA THR C 263 15.04 -7.94 -21.56
CA GLY C 264 16.22 -11.10 -23.53
CA ALA C 265 17.51 -12.69 -21.20
CA THR C 266 17.20 -15.81 -19.25
CA GLU C 267 16.46 -16.53 -15.58
CA ILE C 268 18.73 -18.91 -13.55
CA GLN C 269 17.57 -20.36 -10.11
CA ASN C 270 19.75 -18.95 -7.39
CA SER C 271 17.26 -20.55 -4.99
CA GLY C 272 17.88 -23.75 -6.84
CA GLY C 273 21.63 -23.68 -6.02
CA THR C 274 22.90 -21.88 -9.07
CA SER C 275 20.79 -24.05 -11.38
CA ILE C 276 20.29 -23.05 -14.95
CA PHE C 277 17.05 -23.64 -16.75
CA ALA C 278 16.33 -23.73 -20.43
CA GLY C 279 19.73 -25.33 -21.19
CA HIS C 280 21.01 -27.07 -24.25
CA LEU C 281 22.78 -30.51 -24.39
CA LYS C 282 23.24 -32.83 -27.38
CA CYS C 283 24.61 -36.38 -27.91
CA ARG C 284 24.55 -39.75 -29.79
CA LEU C 285 21.93 -42.21 -28.45
CA LYS C 286 23.17 -45.86 -28.55
CA MET C 287 20.25 -48.26 -28.44
CA ASP C 288 22.51 -51.27 -28.36
CA LYS C 289 21.37 -52.75 -24.97
CA LEU C 290 17.83 -51.35 -24.71
CA GLU C 291 15.20 -54.31 -24.41
CA LEU C 292 11.41 -54.25 -25.12
CA LYS C 293 10.00 -56.05 -22.03
CA GLY C 294 7.38 -58.79 -21.50
CA MET C 295 8.19 -60.65 -24.82
CA SER C 296 8.20 -64.11 -22.96
CA TYR C 297 4.66 -63.41 -21.71
CA ALA C 298 1.65 -64.54 -23.87
CA MET C 299 -1.25 -62.66 -25.59
CA CYS C 300 -4.32 -61.98 -23.57
CA THR C 301 -8.13 -62.83 -24.15
CA ASN C 302 -11.43 -61.81 -22.48
CA THR C 303 -13.15 -58.41 -21.76
CA PHE C 304 -11.87 -54.97 -22.31
CA VAL C 305 -13.63 -51.70 -21.32
CA LEU C 306 -12.69 -47.97 -21.21
CA LYS C 307 -11.89 -45.42 -18.50
CA LYS C 308 -11.68 -42.08 -20.37
CA GLU C 309 -12.41 -40.92 -23.83
CA VAL C 310 -10.27 -40.85 -26.95
CA SER C 311 -8.74 -37.46 -27.59
CA GLU C 312 -5.99 -35.46 -29.40
CA THR C 313 -3.17 -33.71 -27.58
CA GLN C 314 -0.58 -32.35 -30.00
CA HIS C 315 -1.36 -33.07 -33.75
CA GLY C 316 -1.42 -36.81 -34.40
CA THR C 317 -1.06 -37.82 -30.65
CA ILE C 318 -4.35 -39.50 -29.70
CA LEU C 319 -4.48 -40.66 -26.03
CA ILE C 320 -6.69 -43.30 -24.52
CA LYS C 321 -6.88 -45.65 -21.49
CA VAL C 322 -8.68 -48.94 -21.00
CA GLU C 323 -9.78 -51.50 -18.33
CA TYR C 324 -9.43 -55.28 -18.33
CA LYS C 325 -10.40 -58.56 -16.62
CA GLY C 326 -9.68 -62.10 -17.65
CA GLU C 327 -6.38 -63.98 -17.68
CA ASP C 328 -4.81 -64.93 -14.43
CA ALA C 329 -1.21 -64.20 -15.53
CA PRO C 330 0.45 -60.98 -16.82
CA CYS C 331 0.02 -60.77 -20.55
CA LYS C 332 0.39 -58.75 -23.76
CA ILE C 333 -2.41 -56.36 -24.93
CA PRO C 334 -3.80 -56.73 -28.52
CA PHE C 335 -4.38 -53.38 -30.06
CA SER C 336 -4.53 -52.04 -33.64
CA THR C 337 -5.38 -48.94 -35.81
CA GLU C 338 -7.51 -49.62 -39.08
CA ASP C 339 -8.87 -47.28 -41.64
CA GLY C 340 -12.54 -46.46 -42.22
CA GLN C 341 -13.39 -50.21 -41.91
CA GLY C 342 -10.74 -51.02 -44.45
CA LYS C 343 -8.07 -53.49 -43.82
CA ALA C 344 -5.10 -51.06 -43.77
CA HIS C 345 -3.23 -49.57 -40.78
CA ASN C 346 -2.30 -46.04 -42.00
CA GLY C 347 -1.19 -45.06 -38.51
CA ARG C 348 1.38 -45.63 -35.84
CA LEU C 349 1.06 -47.08 -32.44
CA ILE C 350 3.45 -44.98 -30.32
CA THR C 351 3.38 -47.14 -27.08
CA ALA C 352 4.69 -50.16 -29.00
CA ASN C 353 3.75 -53.13 -26.85
CA PRO C 354 1.17 -52.92 -24.11
CA VAL C 355 1.81 -55.35 -21.18
CA VAL C 356 -0.07 -55.70 -17.76
CA THR C 357 1.59 -56.90 -14.48
CA LYS C 358 -1.03 -56.66 -11.65
CA LYS C 359 -3.56 -58.01 -14.23
CA GLU C 360 -6.46 -55.63 -13.89
CA GLU C 361 -4.43 -52.34 -14.44
CA PRO C 362 -5.96 -49.77 -16.74
CA VAL C 363 -2.60 -48.67 -18.37
CA ASN C 364 -2.39 -45.81 -20.99
CA ILE C 365 -2.07 -45.96 -24.81
CA GLU C 366 -0.67 -43.36 -27.30
CA ALA C 367 -1.35 -43.55 -31.15
CA GLU C 368 -1.01 -41.52 -34.37
CA PRO C 369 -4.19 -42.34 -36.49
CA PRO C 370 -5.25 -41.93 -40.11
CA PHE C 371 -5.92 -38.40 -41.35
CA GLY C 372 -9.67 -38.89 -41.78
CA GLU C 373 -11.68 -41.76 -40.40
CA SER C 374 -10.14 -44.61 -38.22
CA ASN C 375 -11.12 -47.65 -36.24
CA ILE C 376 -8.89 -48.55 -33.23
CA VAL C 377 -9.53 -52.18 -32.37
CA ILE C 378 -8.38 -54.43 -29.48
CA GLY C 379 -9.36 -57.51 -31.69
CA ILE C 380 -9.61 -60.85 -29.78
CA GLY C 381 -12.20 -62.60 -32.09
CA ASP C 382 -15.52 -60.85 -31.51
CA ASN C 383 -13.60 -57.44 -31.72
CA ALA C 384 -13.87 -57.31 -27.84
CA LEU C 385 -13.89 -53.49 -27.60
CA LYS C 386 -13.93 -51.14 -30.63
CA ILE C 387 -13.50 -47.35 -31.13
CA ASN C 388 -14.20 -45.37 -34.36
CA TRP C 389 -12.46 -41.89 -34.38
CA TYR C 390 -12.20 -38.95 -36.79
CA LYS C 391 -9.25 -36.78 -37.28
CA LYS C 392 -9.99 -33.23 -38.69
CA GLY C 393 -6.40 -32.86 -39.75
CA PHE D 1 -22.00 9.48 31.14
CA HIS D 2 -19.10 7.29 32.21
CA LEU D 3 -16.00 9.42 32.10
CA THR D 4 -13.08 8.00 30.19
CA SER D 5 -11.03 9.82 27.52
CA ARG D 6 -11.27 9.85 23.76
CA ASP D 7 -8.16 11.47 22.35
CA GLY D 8 -7.45 12.86 25.81
CA GLU D 9 -10.65 14.90 25.59
CA PRO D 10 -13.45 13.96 28.05
CA ARG D 11 -15.51 10.98 26.94
CA MET D 12 -19.00 10.40 28.26
CA ILE D 13 -20.48 6.98 27.55
CA VAL D 14 -24.22 7.61 27.39
CA GLY D 15 -27.21 5.59 26.25
CA LYS D 16 -31.05 5.56 26.32
CA ASN D 17 -30.95 5.14 30.11
CA GLU D 18 -28.86 8.30 30.42
CA ARG D 19 -31.31 10.11 28.03
CA GLY D 20 -29.94 13.61 27.66
CA LYS D 21 -29.45 14.90 31.15
CA SER D 22 -27.17 17.73 32.29
CA LEU D 23 -23.80 16.08 31.90
CA LEU D 24 -21.35 17.82 34.22
CA PHE D 25 -17.68 17.07 34.59
CA LYS D 26 -14.74 19.05 35.87
CA THR D 27 -11.68 19.83 33.81
CA ALA D 28 -8.70 22.03 34.78
CA SER D 29 -10.20 24.97 32.82
CA GLY D 30 -13.39 24.66 34.93
CA ILE D 31 -16.72 22.87 34.71
CA ASN D 32 -18.04 21.76 31.35
CA MET D 33 -21.81 21.33 31.41
CA CYS D 34 -22.94 19.70 28.19
CA THR D 35 -26.54 19.75 27.09
CA LEU D 36 -27.66 16.80 25.04
CA ILE D 37 -31.04 17.37 23.44
CA ALA D 38 -30.89 14.83 20.63
CA MET D 39 -32.79 11.52 20.71
CA ASP D 40 -34.01 10.09 24.01
CA LEU D 41 -33.78 6.61 22.55
CA GLY D 42 -30.73 4.72 21.17
CA GLU D 43 -30.17 1.65 23.30
CA MET D 44 -26.63 0.54 24.06
CA CYS D 45 -25.59 -2.47 21.97
CA ASP D 46 -22.51 -3.73 20.05
CA ASP D 47 -23.36 -1.13 17.37
CA THR D 48 -21.96 1.97 19.05
CA VAL D 49 -20.75 5.13 17.37
CA THR D 50 -18.28 7.53 18.96
CA TYR D 51 -18.32 11.18 17.98
CA LYS D 52 -18.01 14.74 19.29
CA CYS D 53 -20.56 17.07 20.89
CA PRO D 54 -18.98 20.55 20.21
CA HIS D 55 -18.60 23.52 22.56
CA ILE D 56 -19.83 27.10 22.71
CA THR D 57 -16.59 28.90 23.51
CA GLU D 58 -16.89 31.82 21.09
CA VAL D 59 -18.64 29.66 18.46
CA GLU D 60 -22.27 30.68 18.71
CA PRO D 61 -24.83 27.85 18.90
CA GLU D 62 -27.13 27.34 15.95
CA ASP D 63 -28.86 24.32 14.37
CA ILE D 64 -27.14 21.53 16.32
CA ASP D 65 -28.83 19.43 19.02
CA CYS D 66 -25.82 19.06 21.31
CA TRP D 67 -23.58 21.76 22.73
CA CYS D 68 -21.36 22.32 25.74
CA ASN D 69 -20.64 25.35 27.86
CA LEU D 70 -16.92 25.12 28.65
CA THR D 71 -14.99 22.38 26.82
CA SER D 72 -16.28 19.91 24.23
CA THR D 73 -16.87 16.29 25.04
CA TRP D 74 -16.92 13.08 23.03
CA VAL D 75 -20.03 10.88 23.32
CA THR D 76 -20.83 7.20 22.80
CA TYR D 77 -24.29 5.95 22.02
CA GLY D 78 -26.03 2.89 20.62
CA THR D 79 -28.17 2.95 17.50
CA PHE E 1 29.93 27.61 15.61
CA HIS E 2 32.55 25.49 17.33
CA LEU E 3 35.87 27.17 16.80
CA THR E 4 38.63 25.00 15.44
CA SER E 5 40.90 25.82 12.47
CA ARG E 6 40.71 24.90 8.83
CA ASP E 7 43.99 25.75 7.17
CA GLY E 8 44.81 27.90 10.18
CA GLU E 9 41.87 30.16 9.31
CA PRO E 10 38.96 30.20 11.81
CA ARG E 11 36.60 27.26 11.43
CA MET E 12 33.04 27.43 12.71
CA ILE E 13 31.20 24.12 12.86
CA VAL E 14 27.55 25.09 12.39
CA GLY E 15 24.36 23.16 11.70
CA LYS E 16 20.55 23.56 11.62
CA ASN E 17 20.55 24.13 15.39
CA GLU E 18 22.98 27.03 14.95
CA ARG E 19 20.78 28.39 12.08
CA GLY E 20 22.54 31.51 10.87
CA LYS E 21 23.13 33.62 13.93
CA SER E 22 25.71 36.37 14.38
CA LEU E 23 28.87 34.34 14.57
CA LEU E 24 31.49 36.35 16.45
CA PHE E 25 35.05 35.33 17.16
CA LYS E 26 38.17 37.27 17.99
CA THR E 27 41.33 37.14 15.92
CA ALA E 28 44.52 39.19 16.40
CA SER E 29 43.38 41.66 13.69
CA GLY E 30 40.15 42.26 15.68
CA ILE E 31 36.65 40.83 15.80
CA ASN E 32 35.24 39.03 12.80
CA MET E 33 31.46 39.04 12.81
CA CYS E 34 30.18 36.75 10.08
CA THR E 35 26.62 36.89 8.87
CA LEU E 36 25.19 33.63 7.61
CA ILE E 37 21.92 34.13 5.78
CA ALA E 38 21.81 30.94 3.73
CA MET E 39 19.55 27.99 4.60
CA ASP E 40 18.14 27.62 8.10
CA LEU E 41 17.99 23.87 7.61
CA GLY E 42 20.81 21.37 6.87
CA GLU E 43 21.01 18.92 9.75
CA MET E 44 24.40 17.68 10.91
CA CYS E 45 25.11 14.14 9.72
CA ASP E 46 28.05 12.10 8.32
CA ASP E 47 27.53 13.97 5.01
CA THR E 48 29.25 17.24 5.89
CA VAL E 49 30.83 19.70 3.50
CA THR E 50 33.53 22.17 4.51
CA TYR E 51 33.92 25.41 2.63
CA LYS E 52 34.62 29.13 2.98
CA CYS E 53 32.34 32.06 3.81
CA PRO E 54 34.29 35.05 2.32
CA HIS E 55 34.99 38.47 3.83
CA ILE E 56 34.17 42.08 3.01
CA THR E 57 37.58 43.67 3.43
CA GLU E 58 37.65 45.86 0.33
CA VAL E 59 35.69 43.30 -1.72
CA GLU E 60 32.19 44.73 -1.88
CA PRO E 61 29.32 42.33 -1.07
CA GLU E 62 27.02 41.31 -3.88
CA ASP E 63 24.97 38.19 -4.69
CA ILE E 64 26.34 35.84 -2.01
CA ASP E 65 24.39 34.71 1.06
CA CYS E 66 27.33 34.63 3.49
CA TRP E 67 29.84 37.36 4.26
CA CYS E 68 32.08 38.44 7.09
CA ASN E 69 33.11 41.83 8.39
CA LEU E 70 36.77 41.43 9.36
CA THR E 71 38.39 38.11 8.39
CA SER E 72 36.86 35.20 6.48
CA THR E 73 35.86 32.00 8.17
CA TRP E 74 35.47 28.40 7.07
CA VAL E 75 32.13 26.69 7.78
CA THR E 76 30.92 23.11 8.21
CA TYR E 77 27.35 22.08 7.64
CA GLY E 78 25.30 18.96 7.01
CA THR E 79 23.20 18.43 3.90
CA GLN F 1 -11.84 -15.03 38.52
CA VAL F 2 -12.48 -11.25 38.41
CA GLN F 3 -11.40 -10.28 41.92
CA LEU F 4 -9.34 -8.00 44.15
CA VAL F 5 -7.59 -9.02 47.40
CA GLU F 6 -6.37 -6.40 49.93
CA SER F 7 -3.67 -6.92 52.58
CA GLY F 8 -1.28 -4.98 54.87
CA GLY F 9 -3.91 -3.89 57.42
CA GLY F 10 -3.49 -4.41 61.14
CA VAL F 11 -3.03 -2.70 64.51
CA VAL F 12 -1.07 0.58 64.24
CA GLN F 13 -0.24 3.27 66.82
CA PRO F 14 -1.12 7.01 66.16
CA GLY F 15 1.72 8.83 64.34
CA ARG F 16 3.04 5.58 62.81
CA SER F 17 2.76 4.51 59.15
CA LEU F 18 1.21 1.58 57.31
CA ARG F 19 1.17 0.37 53.69
CA LEU F 20 -1.91 -1.28 52.17
CA SER F 21 -1.59 -3.48 49.10
CA CYS F 22 -4.35 -4.67 46.74
CA ALA F 23 -3.57 -7.51 44.30
CA ALA F 24 -5.73 -7.53 41.15
CA SER F 25 -6.60 -10.59 39.09
CA GLY F 26 -8.93 -11.70 36.27
CA PHE F 27 -8.64 -8.52 34.23
CA THR F 28 -5.95 -6.35 32.60
CA PHE F 29 -4.93 -4.21 35.60
CA SER F 30 -3.15 -1.48 33.59
CA ASN F 31 -6.33 -0.74 31.58
CA PHE F 32 -8.44 0.26 34.58
CA ALA F 33 -8.16 3.15 37.00
CA MET F 34 -8.13 2.06 40.78
CA HIS F 35 -9.66 3.44 43.97
CA TRP F 36 -9.22 3.05 47.72
CA VAL F 37 -12.34 3.45 49.90
CA ARG F 38 -12.73 3.24 53.64
CA GLN F 39 -15.54 2.32 55.97
CA ALA F 40 -14.96 3.29 59.59
CA PRO F 41 -16.79 0.66 61.71
CA GLY F 42 -20.29 2.07 62.25
CA LYS F 43 -19.88 4.72 59.49
CA GLY F 44 -20.73 4.80 55.76
CA LEU F 45 -18.57 4.70 52.63
CA GLU F 46 -15.82 7.27 52.17
CA TRP F 47 -13.80 7.43 48.94
CA VAL F 48 -10.05 7.87 49.56
CA SER F 49 -7.86 8.07 46.49
CA LEU F 50 -7.91 7.42 42.85
CA ILE F 51 -5.35 6.87 40.06
CA SER F 52 -5.49 6.02 36.36
CA TYR F 53 -3.99 3.14 34.35
CA ASP F 54 -1.26 5.51 33.07
CA GLY F 55 -0.66 5.92 36.86
CA SER F 56 -1.57 9.58 36.61
CA ASN F 57 -3.98 12.04 38.26
CA LYS F 58 -3.96 10.94 41.80
CA TYR F 59 -6.94 12.28 43.73
CA ASN F 60 -7.23 12.23 47.50
CA ALA F 61 -9.87 13.04 50.14
CA ASP F 62 -9.21 16.21 52.18
CA SER F 63 -9.36 13.91 55.23
CA VAL F 64 -6.42 11.99 53.69
CA ARG F 65 -4.30 14.38 51.55
CA GLY F 66 -0.65 14.88 52.55
CA ARG F 67 -0.72 11.61 54.51
CA PHE F 68 -1.48 8.82 51.98
CA SER F 69 0.40 7.92 48.79
CA ILE F 70 -1.30 6.00 45.95
CA SER F 71 1.22 3.96 43.95
CA ARG F 72 0.75 1.45 41.09
CA ASP F 73 2.55 -1.33 39.21
CA ASN F 74 0.55 -2.22 36.04
CA SER F 75 3.24 -4.83 35.26
CA LYS F 76 2.85 -6.32 38.78
CA ASN F 77 -0.98 -5.75 38.94
CA THR F 78 -0.77 -4.11 42.40
CA LEU F 79 -1.96 -0.85 43.98
CA TYR F 80 -0.16 0.32 47.18
CA LEU F 81 -1.69 3.00 49.42
CA GLN F 82 1.18 4.32 51.61
CA MET F 83 -0.20 5.52 54.96
CA ASN F 84 1.52 8.12 57.15
CA SER F 85 1.01 9.61 59.77
CA LEU F 86 -1.96 7.69 61.10
CA ARG F 87 -4.54 9.27 63.42
CA LEU F 88 -7.55 7.69 65.18
CA GLU F 89 -10.26 8.67 62.66
CA ASP F 90 -8.11 6.78 60.11
CA THR F 91 -9.41 3.53 61.63
CA ALA F 92 -11.53 1.69 59.04
CA VAL F 93 -11.60 -0.97 56.32
CA TYR F 94 -9.88 -0.38 52.97
CA TYR F 95 -11.16 -1.73 49.65
CA CYS F 96 -9.30 -1.34 46.37
CA VAL F 97 -11.73 -1.23 43.48
CA ARG F 98 -11.97 -1.38 39.69
CA VAL F 99 -13.12 1.82 38.09
CA ARG F 100 -13.92 3.18 34.60
CA GLN F 101 -12.50 6.56 33.55
CA PRO F 102 -15.54 8.36 34.94
CA TRP F 103 -13.91 10.48 37.65
CA THR F 104 -14.16 14.15 38.62
CA GLN F 105 -15.19 16.78 38.91
CA ALA F 106 -14.90 20.04 40.85
CA TRP F 107 -12.47 22.85 41.65
CA SER F 108 -9.87 20.79 43.52
CA THR F 109 -9.09 18.44 40.63
CA ASN F 110 -11.29 16.69 41.13
CA TYR F 111 -12.88 13.39 42.17
CA PHE F 112 -16.32 12.40 43.46
CA TYR F 113 -17.31 8.73 43.64
CA TYR F 114 -17.41 7.48 40.05
CA TYR F 115 -20.58 5.71 38.88
CA GLY F 116 -19.71 2.14 37.90
CA MET F 117 -16.75 0.95 39.97
CA ASP F 118 -17.75 -2.68 39.61
CA VAL F 119 -15.03 -4.83 41.29
CA TRP F 120 -13.91 -4.70 44.92
CA GLY F 121 -11.48 -6.64 47.12
CA GLN F 122 -12.73 -8.05 50.45
CA GLY F 123 -10.97 -5.14 52.20
CA THR F 124 -8.25 -4.84 54.84
CA THR F 125 -8.76 -3.46 58.33
CA VAL F 126 -6.56 -0.70 59.78
CA THR F 127 -6.84 -0.12 63.50
CA VAL F 128 -5.26 3.05 64.89
CA SER F 129 -4.94 3.21 68.70
CA SER F 130 -3.12 2.06 71.85
CA ALA F 131 -2.57 -0.14 73.70
CA VAL G 3 -23.36 14.41 52.89
CA LEU G 4 -26.16 12.31 51.32
CA THR G 5 -29.04 11.81 53.76
CA GLN G 6 -30.44 8.32 54.30
CA PRO G 7 -33.13 7.04 56.72
CA PRO G 8 -31.66 4.81 59.50
CA SER G 9 -33.93 1.77 58.90
CA ALA G 10 -36.94 0.62 56.88
CA SER G 11 -38.83 -2.60 57.66
CA GLY G 12 -41.04 -4.84 55.50
CA THR G 13 -42.72 -8.23 55.81
CA PRO G 14 -41.71 -10.97 53.26
CA GLY G 15 -43.20 -9.96 49.89
CA GLN G 16 -43.62 -6.19 50.42
CA ARG G 17 -41.99 -3.48 48.29
CA VAL G 18 -39.58 -1.25 50.25
CA THR G 19 -38.40 2.21 49.18
CA ILE G 20 -35.11 3.69 50.43
CA SER G 21 -34.87 7.49 50.05
CA CYS G 22 -31.60 9.41 49.55
CA SER G 23 -31.80 13.20 49.95
CA GLY G 24 -28.97 15.20 48.34
CA GLY G 25 -27.97 18.66 47.11
CA SER G 26 -28.16 20.25 43.64
CA SER G 27 -24.35 19.91 43.32
CA ASN G 28 -24.35 16.07 43.60
CA ILE G 29 -27.73 14.37 42.90
CA GLY G 30 -29.54 17.12 40.94
CA SER G 31 -26.82 17.11 38.21
CA SER G 32 -25.01 13.71 38.29
CA TYR G 33 -25.75 9.97 38.35
CA VAL G 34 -26.80 8.04 41.47
CA TYR G 35 -25.27 4.69 42.42
CA TRP G 36 -26.57 2.15 44.97
CA TYR G 37 -24.62 -0.55 46.82
CA LYS G 38 -25.69 -3.60 48.84
CA GLN G 39 -23.46 -4.74 51.72
CA VAL G 40 -24.19 -8.09 53.37
CA PRO G 41 -22.57 -8.22 56.90
CA GLY G 42 -18.90 -9.23 56.55
CA THR G 43 -18.79 -8.88 52.73
CA ALA G 44 -17.65 -5.94 50.58
CA PRO G 45 -20.26 -3.43 49.22
CA LYS G 46 -21.47 -4.88 45.90
CA LEU G 47 -22.94 -2.66 43.15
CA LEU G 48 -26.74 -2.90 43.09
CA ILE G 49 -27.82 -0.03 40.76
CA TYR G 50 -25.54 2.13 38.60
CA ARG G 51 -25.91 5.23 36.38
CA ASN G 52 -29.49 6.08 37.44
CA ASN G 53 -31.60 2.88 37.26
CA GLU G 54 -29.25 0.71 35.14
CA ARG G 55 -28.72 -2.76 36.64
CA PRO G 56 -25.57 -4.98 36.76
CA SER G 57 -25.59 -8.62 35.58
CA GLY G 58 -26.89 -10.94 38.33
CA VAL G 59 -29.02 -8.36 40.23
CA PRO G 60 -32.71 -9.46 40.19
CA ASP G 61 -35.31 -7.39 38.30
CA ARG G 62 -37.12 -6.77 41.63
CA PHE G 63 -34.50 -4.09 42.48
CA SER G 64 -35.21 -0.74 40.79
CA GLY G 65 -33.57 2.67 41.25
CA SER G 66 -35.34 5.97 40.52
CA LYS G 67 -34.45 9.68 40.65
CA SER G 68 -36.51 12.90 40.63
CA GLY G 69 -34.83 16.28 41.19
CA THR G 70 -32.26 16.33 44.03
CA SER G 71 -33.61 13.18 45.75
CA ALA G 72 -33.23 9.56 44.61
CA SER G 73 -34.97 6.37 45.78
CA LEU G 74 -34.27 2.62 45.64
CA ALA G 75 -37.29 0.28 45.40
CA ILE G 76 -37.00 -3.37 46.47
CA SER G 77 -40.13 -5.39 45.53
CA GLY G 78 -40.82 -8.90 46.85
CA LEU G 79 -38.53 -8.92 49.89
CA ARG G 80 -36.62 -12.10 50.73
CA SER G 81 -34.32 -13.23 53.59
CA GLU G 82 -31.35 -12.66 51.21
CA ASP G 83 -32.03 -8.88 51.07
CA GLU G 84 -31.43 -8.16 54.79
CA ALA G 85 -28.35 -5.94 54.45
CA ASP G 86 -27.06 -2.34 54.47
CA TYR G 87 -27.67 -0.11 51.45
CA TYR G 88 -25.72 3.01 50.47
CA CYS G 89 -26.44 5.66 47.81
CA ALA G 90 -23.54 7.45 46.06
CA ALA G 91 -23.04 10.30 43.59
CA TRP G 92 -20.20 12.37 42.09
CA ASP G 93 -20.13 15.83 43.68
CA ASP G 94 -18.86 19.09 42.20
CA SER G 95 -18.63 20.76 45.65
CA LEU G 96 -15.24 21.46 47.30
CA ARG G 97 -16.03 18.56 49.70
CA GLY G 98 -17.64 15.11 49.65
CA GLN G 99 -17.14 12.26 47.16
CA VAL G 100 -20.00 11.31 48.02
CA PHE G 101 -21.59 8.32 49.83
CA GLY G 102 -24.73 8.14 52.01
CA GLY G 103 -24.92 7.21 55.71
CA GLY G 104 -26.63 3.86 54.98
CA THR G 105 -30.01 2.19 55.55
CA LYS G 106 -30.58 -1.08 57.42
CA LEU G 107 -33.18 -3.29 55.76
CA THR G 108 -34.93 -5.90 57.90
CA VAL G 109 -37.01 -8.85 56.64
CA LEU G 110 -38.91 -8.67 59.94
CA GLY G 111 -39.66 -12.20 61.28
CA GLN G 112 -40.28 -11.55 64.99
CA PRO G 113 -43.04 -9.03 66.00
CA GLN H 1 37.18 4.95 29.49
CA VAL H 2 36.96 8.63 28.39
CA GLN H 3 38.10 10.37 31.57
CA LEU H 4 40.38 12.91 33.21
CA VAL H 5 41.97 12.59 36.67
CA GLU H 6 43.46 15.64 38.49
CA SER H 7 46.05 15.55 41.29
CA GLY H 8 48.62 17.77 43.10
CA GLY H 9 46.10 19.75 45.16
CA GLY H 10 46.43 20.19 48.90
CA VAL H 11 47.03 22.66 51.73
CA VAL H 12 49.36 25.52 50.69
CA GLN H 13 50.46 28.70 52.52
CA PRO H 14 50.01 32.21 50.89
CA GLY H 15 53.06 33.17 48.77
CA ARG H 16 54.02 29.51 48.19
CA SER H 17 53.66 27.56 44.93
CA LEU H 18 51.80 24.43 43.84
CA ARG H 19 51.67 22.32 40.66
CA LEU H 20 48.44 20.67 39.51
CA SER H 21 48.54 17.71 37.12
CA CYS H 22 45.69 16.25 35.05
CA ALA H 23 46.18 12.81 33.46
CA ALA H 24 44.07 12.19 30.34
CA SER H 25 42.87 8.81 29.10
CA GLY H 26 40.46 7.26 26.58
CA PHE H 27 41.13 9.74 23.79
CA THR H 28 44.06 11.11 21.76
CA PHE H 29 45.29 13.84 24.15
CA SER H 30 47.39 15.74 21.57
CA ASN H 31 44.33 16.26 19.32
CA PHE H 32 42.32 18.24 21.87
CA ALA H 33 42.90 21.61 23.47
CA MET H 34 42.77 21.55 27.39
CA HIS H 35 41.37 23.87 30.05
CA TRP H 36 41.71 24.43 33.79
CA VAL H 37 38.64 25.72 35.66
CA ARG H 38 38.19 26.53 39.31
CA GLN H 39 35.27 26.57 41.69
CA ALA H 40 35.91 28.39 44.95
CA PRO H 41 33.78 26.61 47.62
CA GLY H 42 30.45 28.49 47.62
CA LYS H 43 31.19 30.25 44.30
CA GLY H 44 30.39 29.45 40.64
CA LEU H 45 32.56 28.29 37.72
CA GLU H 46 35.59 30.36 36.73
CA TRP H 47 37.66 29.44 33.65
CA VAL H 48 41.41 29.63 34.28
CA SER H 49 43.64 28.79 31.36
CA LEU H 50 43.57 27.21 28.00
CA ILE H 51 46.09 25.67 25.57
CA SER H 52 45.88 23.90 22.21
CA TYR H 53 47.08 20.46 21.08
CA ASP H 54 50.06 22.11 19.33
CA GLY H 55 50.66 23.43 22.91
CA SER H 56 50.17 26.97 21.69
CA ASN H 57 48.04 30.02 22.55
CA LYS H 58 47.91 29.89 26.23
CA TYR H 59 45.09 32.00 27.64
CA ASN H 60 44.73 32.98 31.29
CA ALA H 61 42.18 34.71 33.50
CA ASP H 62 43.17 38.22 34.69
CA SER H 63 42.73 36.83 38.22
CA VAL H 64 45.45 34.27 37.34
CA ARG H 65 47.85 35.78 34.75
CA GLY H 66 51.51 36.14 35.74
CA ARG H 67 51.05 33.52 38.46
CA PHE H 68 50.00 30.26 36.71
CA SER H 69 51.81 28.36 33.95
CA ILE H 70 49.93 25.96 31.64
CA SER H 71 52.23 23.21 30.34
CA ARG H 72 51.51 20.10 28.20
CA ASP H 73 53.00 16.76 27.18
CA ASN H 74 50.95 15.28 24.27
CA SER H 75 53.35 12.29 24.31
CA LYS H 76 52.74 11.82 28.07
CA ASN H 77 49.01 12.81 27.93
CA THR H 78 49.36 15.27 30.86
CA LEU H 79 48.53 18.93 31.48
CA TYR H 80 50.42 20.72 34.34
CA LEU H 81 49.17 24.03 35.75
CA GLN H 82 52.15 25.57 37.63
CA MET H 83 50.88 27.74 40.50
CA ASN H 84 52.86 30.63 42.01
CA SER H 85 52.49 32.80 44.12
CA LEU H 86 49.31 31.62 45.80
CA ARG H 87 46.90 34.01 47.51
CA LEU H 88 43.72 33.29 49.50
CA GLU H 89 41.15 33.84 46.70
CA ASP H 90 43.11 31.14 44.83
CA THR H 91 41.44 28.55 47.08
CA ALA H 92 39.14 26.34 44.98
CA VAL H 93 38.80 23.08 43.03
CA TYR H 94 40.62 22.57 39.72
CA TYR H 95 39.23 20.56 36.81
CA CYS H 96 41.16 19.87 33.63
CA VAL H 97 38.78 19.48 30.71
CA ARG H 98 38.56 18.36 27.08
CA VAL H 99 37.80 21.15 24.66
CA ARG H 100 37.21 21.62 20.90
CA GLN H 101 39.01 24.43 19.07
CA PRO H 102 36.18 26.84 19.83
CA TRP H 103 38.01 29.41 21.96
CA THR H 104 38.16 33.22 21.94
CA GLN H 105 37.43 35.93 21.50
CA ALA H 106 38.06 39.54 22.52
CA TRP H 107 40.80 42.19 22.68
CA SER H 108 43.12 40.42 25.12
CA THR H 109 43.66 37.32 22.97
CA ASN H 110 41.28 36.01 23.82
CA TYR H 111 39.31 33.29 25.61
CA PHE H 112 35.77 33.03 26.97
CA TYR H 113 34.37 29.67 28.06
CA TYR H 114 34.16 27.55 24.90
CA TYR H 115 30.83 25.88 24.12
CA GLY H 116 31.29 22.11 24.14
CA MET H 117 34.08 21.19 26.56
CA ASP H 118 32.68 17.72 27.12
CA VAL H 119 35.11 15.80 29.39
CA TRP H 120 36.21 16.76 32.91
CA GLY H 121 38.38 15.23 35.64
CA GLN H 122 36.94 14.87 39.16
CA GLY H 123 38.99 17.94 40.17
CA THR H 124 41.70 18.62 42.74
CA THR H 125 41.32 20.92 45.74
CA VAL H 126 43.80 23.71 46.50
CA THR H 127 43.55 25.28 49.93
CA VAL H 128 45.46 28.52 50.52
CA SER H 129 45.76 29.63 54.16
CA SER H 130 47.40 29.15 57.58
CA ALA H 131 47.68 27.47 59.96
CA VAL I 3 28.90 38.19 35.28
CA LEU I 4 25.90 36.06 34.19
CA THR I 5 22.95 36.53 36.56
CA GLN I 6 21.16 33.47 37.93
CA PRO I 7 18.32 33.16 40.50
CA PRO I 8 19.50 31.60 43.82
CA SER I 9 16.90 28.77 43.93
CA ALA I 10 13.81 27.45 42.16
CA SER I 11 11.55 24.77 43.67
CA GLY I 12 9.13 22.28 42.06
CA THR I 13 7.07 19.29 43.18
CA PRO I 14 7.79 15.89 41.47
CA GLY I 15 6.46 16.14 37.90
CA GLN I 16 6.47 19.94 37.41
CA ARG I 17 8.42 21.80 34.73
CA VAL I 18 11.03 24.20 36.13
CA THR I 19 12.61 27.12 34.26
CA ILE I 20 16.03 28.51 35.21
CA SER I 21 16.71 32.03 33.87
CA CYS I 22 20.18 33.40 33.02
CA SER I 23 20.41 37.15 32.41
CA GLY I 24 23.46 38.35 30.44
CA GLY I 25 24.86 41.24 28.40
CA SER I 26 24.89 41.87 24.64
CA SER I 27 28.64 41.05 24.58
CA ASN I 28 28.20 37.45 25.84
CA ILE I 29 24.66 36.00 25.47
CA GLY I 30 23.19 38.31 22.79
CA SER I 31 25.93 37.30 20.27
CA SER I 32 27.33 33.87 21.28
CA TYR I 33 26.18 30.36 22.29
CA VAL I 34 24.88 29.46 25.77
CA TYR I 35 26.02 26.32 27.61
CA TRP I 36 24.42 24.69 30.67
CA TYR I 37 26.02 22.38 33.24
CA LYS I 38 24.59 20.09 35.94
CA GLN I 39 26.64 19.52 39.10
CA VAL I 40 25.53 16.82 41.54
CA PRO I 41 27.07 17.44 45.03
CA GLY I 42 30.62 16.00 45.10
CA THR I 43 30.81 15.31 41.34
CA ALA I 44 32.29 17.46 38.54
CA PRO I 45 30.00 19.78 36.48
CA LYS I 46 28.67 17.65 33.60
CA LEU I 47 27.49 19.22 30.32
CA LEU I 48 23.69 19.39 30.16
CA ILE I 49 22.96 21.64 27.14
CA TYR I 50 25.50 22.90 24.58
CA ARG I 51 25.50 25.32 21.62
CA ASN I 52 22.03 26.81 22.28
CA ASN I 53 19.58 23.92 22.85
CA GLU I 54 21.69 21.01 21.46
CA ARG I 55 21.81 18.04 23.82
CA PRO I 56 24.68 15.59 24.65
CA SER I 57 24.26 11.79 24.45
CA GLY I 58 22.68 10.44 27.65
CA VAL I 59 20.84 13.62 28.73
CA PRO I 60 17.05 12.96 28.83
CA ASP I 61 14.73 14.73 26.37
CA ARG I 62 12.95 16.38 29.34
CA PHE I 63 15.84 18.90 29.57
CA SER I 64 15.53 21.74 27.05
CA GLY I 65 17.55 24.96 26.68
CA SER I 66 16.17 28.12 25.04
CA LYS I 67 17.48 31.63 24.24
CA SER I 68 15.79 34.93 23.31
CA GLY I 69 17.84 38.15 23.04
CA THR I 70 20.36 38.66 25.88
CA SER I 71 18.65 36.22 28.29
CA ALA I 72 18.62 32.41 28.14
CA SER I 73 16.53 29.84 30.04
CA LEU I 74 16.81 26.14 30.89
CA ALA I 75 13.54 24.15 31.15
CA ILE I 76 13.40 20.90 33.14
CA SER I 77 10.08 19.06 32.63
CA GLY I 78 8.98 16.10 34.78
CA LEU I 79 11.22 16.64 37.81
CA ARG I 80 12.75 13.60 39.53
CA SER I 81 14.87 13.03 42.67
CA GLU I 82 17.91 12.63 40.34
CA ASP I 83 17.67 16.29 39.21
CA GLU I 84 18.30 17.90 42.64
CA ALA I 85 21.63 19.61 41.84
CA ASP I 86 23.31 22.93 41.00
CA TYR I 87 22.99 24.35 37.47
CA TYR I 88 25.28 26.87 35.79
CA CYS I 89 24.91 28.80 32.53
CA ALA I 90 28.01 29.73 30.48
CA ALA I 91 28.85 31.78 27.37
CA TRP I 92 31.93 33.06 25.50
CA ASP I 93 32.37 36.78 26.14
CA ASP I 94 34.01 39.40 23.92
CA SER I 95 34.39 41.88 26.82
CA LEU I 96 37.83 42.62 28.37
CA ARG I 97 36.68 40.54 31.41
CA GLY I 98 34.70 37.41 32.19
CA GLN I 99 34.89 33.96 30.55
CA VAL I 100 31.93 33.58 31.50
CA PHE I 101 29.99 31.35 33.97
CA GLY I 102 26.84 32.10 35.99
CA GLY I 103 26.49 32.18 39.79
CA GLY I 104 24.43 28.96 39.90
CA THR I 105 20.89 27.87 40.74
CA LYS I 106 19.93 25.29 43.38
CA LEU I 107 17.09 23.01 42.24
CA THR I 108 15.04 21.25 44.90
CA VAL I 109 12.67 18.30 44.37
CA LEU I 110 10.76 19.54 47.44
CA GLY I 111 9.60 16.59 49.62
CA GLN I 112 9.02 18.25 52.99
CA PRO I 113 6.56 21.23 53.22
#